data_3BVC
#
_entry.id   3BVC
#
_cell.length_a   96.405
_cell.length_b   101.973
_cell.length_c   76.506
_cell.angle_alpha   90.00
_cell.angle_beta   90.00
_cell.angle_gamma   90.00
#
_symmetry.space_group_name_H-M   'P 21 21 2'
#
loop_
_entity.id
_entity.type
_entity.pdbx_description
1 polymer 'Uncharacterized protein Ism_01780'
2 non-polymer 'CALCIUM ION'
3 non-polymer 'NICKEL (II) ION'
4 water water
#
_entity_poly.entity_id   1
_entity_poly.type   'polypeptide(L)'
_entity_poly.pdbx_seq_one_letter_code
;MSLSLFVTRLYHAPLSDHGPAIDAEEMESSCYAIAEDDEAGQGWCEENGYPGYTSYASLTDLPWRFPIFADLVKSLDAHV
AAFAEDLEFDLDGRALELEDLWINILPEGGSHASHIHPHSVISGTTYVSMPGGTSALKLEDPRHAMMMAAPARRKTARDE
LRQFIYVTPAVGDVLLWESWLRHEVPMNMSEDDRISVSFNYRWAEGHHHHHH
;
_entity_poly.pdbx_strand_id   A,B
#
loop_
_chem_comp.id
_chem_comp.type
_chem_comp.name
_chem_comp.formula
CA non-polymer 'CALCIUM ION' 'Ca 2'
NI non-polymer 'NICKEL (II) ION' 'Ni 2'
#
# COMPACT_ATOMS: atom_id res chain seq x y z
N SER A 2 22.24 -14.12 17.40
CA SER A 2 21.87 -12.70 17.09
C SER A 2 21.50 -12.52 15.60
N LEU A 3 20.21 -12.54 15.31
CA LEU A 3 19.68 -12.67 13.94
C LEU A 3 19.30 -11.35 13.27
N SER A 4 19.41 -11.32 11.95
CA SER A 4 19.03 -10.17 11.14
C SER A 4 17.67 -10.35 10.50
N LEU A 5 16.72 -9.48 10.86
CA LEU A 5 15.32 -9.64 10.46
C LEU A 5 14.72 -8.44 9.75
N PHE A 6 13.72 -8.72 8.91
CA PHE A 6 12.90 -7.72 8.19
C PHE A 6 13.72 -6.74 7.35
N VAL A 7 14.58 -7.33 6.52
CA VAL A 7 15.57 -6.61 5.73
C VAL A 7 14.97 -5.82 4.56
N THR A 8 15.39 -4.56 4.46
CA THR A 8 15.20 -3.77 3.25
C THR A 8 16.34 -4.07 2.27
N ARG A 9 15.99 -4.46 1.05
CA ARG A 9 17.00 -4.83 0.06
C ARG A 9 17.16 -3.80 -1.05
N LEU A 10 18.39 -3.36 -1.27
CA LEU A 10 18.72 -2.33 -2.25
C LEU A 10 19.56 -2.87 -3.39
N TYR A 11 18.94 -2.94 -4.57
CA TYR A 11 19.58 -3.45 -5.77
C TYR A 11 20.48 -2.37 -6.36
N HIS A 12 21.71 -2.75 -6.70
CA HIS A 12 22.70 -1.83 -7.26
C HIS A 12 23.63 -2.59 -8.22
N ALA A 13 23.47 -2.33 -9.51
CA ALA A 13 24.19 -3.05 -10.57
C ALA A 13 24.33 -2.22 -11.84
N PRO A 14 25.46 -2.38 -12.58
CA PRO A 14 25.59 -1.74 -13.89
C PRO A 14 24.52 -2.22 -14.88
N LEU A 15 23.87 -1.26 -15.53
CA LEU A 15 22.77 -1.50 -16.48
C LEU A 15 23.12 -2.49 -17.61
N SER A 16 24.41 -2.63 -17.89
CA SER A 16 24.92 -3.55 -18.91
C SER A 16 24.88 -5.03 -18.50
N ASP A 17 24.44 -5.32 -17.27
CA ASP A 17 24.29 -6.70 -16.81
C ASP A 17 23.12 -7.40 -17.49
N HIS A 18 22.16 -6.62 -17.97
CA HIS A 18 20.98 -7.14 -18.62
C HIS A 18 20.59 -6.32 -19.84
N GLY A 19 19.83 -6.95 -20.74
CA GLY A 19 19.26 -6.28 -21.89
C GLY A 19 20.29 -5.88 -22.93
N PRO A 20 19.86 -5.11 -23.95
CA PRO A 20 20.77 -4.72 -25.04
C PRO A 20 21.72 -3.61 -24.64
N ALA A 21 22.72 -3.38 -25.49
CA ALA A 21 23.74 -2.35 -25.28
C ALA A 21 23.14 -0.96 -25.29
N ILE A 22 23.34 -0.24 -24.19
CA ILE A 22 22.86 1.13 -24.07
C ILE A 22 24.07 2.05 -23.97
N ASP A 23 24.35 2.75 -25.07
CA ASP A 23 25.48 3.67 -25.14
C ASP A 23 25.24 4.90 -24.28
N ALA A 24 26.13 5.11 -23.32
CA ALA A 24 26.00 6.19 -22.31
C ALA A 24 26.01 7.59 -22.92
N GLU A 25 26.89 7.80 -23.89
CA GLU A 25 26.98 9.07 -24.60
C GLU A 25 25.74 9.34 -25.43
N GLU A 26 25.20 8.28 -26.05
CA GLU A 26 23.98 8.35 -26.86
C GLU A 26 22.75 8.66 -26.00
N MET A 27 22.73 8.14 -24.78
CA MET A 27 21.62 8.38 -23.83
C MET A 27 21.61 9.83 -23.32
N GLU A 28 22.79 10.40 -23.08
CA GLU A 28 22.92 11.77 -22.58
C GLU A 28 22.37 12.79 -23.58
N SER A 29 22.75 12.63 -24.84
CA SER A 29 22.28 13.52 -25.90
C SER A 29 20.80 13.31 -26.20
N SER A 30 20.29 12.11 -25.92
CA SER A 30 18.87 11.79 -26.10
C SER A 30 18.01 12.61 -25.16
N CYS A 31 18.43 12.65 -23.89
CA CYS A 31 17.71 13.36 -22.85
C CYS A 31 17.72 14.86 -23.07
N TYR A 32 18.85 15.39 -23.53
CA TYR A 32 18.97 16.79 -23.86
C TYR A 32 18.09 17.18 -25.03
N ALA A 33 18.02 16.30 -26.04
CA ALA A 33 17.19 16.52 -27.22
C ALA A 33 15.70 16.51 -26.89
N ILE A 34 15.31 15.62 -25.98
CA ILE A 34 13.93 15.50 -25.53
C ILE A 34 13.53 16.74 -24.73
N ALA A 35 14.37 17.12 -23.76
CA ALA A 35 14.12 18.25 -22.85
C ALA A 35 14.03 19.60 -23.53
N GLU A 36 14.78 19.78 -24.62
CA GLU A 36 14.81 21.05 -25.34
C GLU A 36 13.81 21.11 -26.49
N ASP A 37 13.09 20.00 -26.70
CA ASP A 37 11.98 19.98 -27.66
C ASP A 37 10.64 19.96 -26.93
N ASP A 38 10.63 19.39 -25.73
CA ASP A 38 9.45 19.38 -24.86
C ASP A 38 9.27 20.76 -24.23
N GLU A 39 8.64 21.66 -24.99
CA GLU A 39 8.39 23.03 -24.56
C GLU A 39 7.32 23.08 -23.46
N ALA A 40 6.43 22.08 -23.46
CA ALA A 40 5.41 21.91 -22.42
C ALA A 40 6.02 21.43 -21.11
N GLY A 41 7.12 20.68 -21.21
CA GLY A 41 7.86 20.20 -20.04
C GLY A 41 8.67 21.31 -19.39
N GLN A 42 9.32 22.12 -20.22
CA GLN A 42 10.04 23.32 -19.78
C GLN A 42 9.04 24.28 -19.15
N GLY A 43 7.88 24.41 -19.81
CA GLY A 43 6.79 25.27 -19.36
C GLY A 43 6.17 24.84 -18.04
N TRP A 44 6.08 23.53 -17.82
CA TRP A 44 5.51 23.01 -16.57
C TRP A 44 6.49 23.18 -15.40
N CYS A 45 7.78 23.13 -15.70
CA CYS A 45 8.82 23.38 -14.70
C CYS A 45 8.94 24.85 -14.34
N GLU A 46 8.69 25.70 -15.34
CA GLU A 46 8.68 27.15 -15.15
C GLU A 46 7.46 27.59 -14.35
N GLU A 47 6.29 27.03 -14.69
CA GLU A 47 5.03 27.34 -14.01
C GLU A 47 4.96 26.82 -12.58
N ASN A 48 5.64 25.72 -12.33
CA ASN A 48 5.67 25.13 -10.99
C ASN A 48 6.84 25.66 -10.16
N GLY A 49 7.83 26.23 -10.83
CA GLY A 49 9.07 26.69 -10.17
C GLY A 49 9.93 25.51 -9.76
N TYR A 50 9.84 24.42 -10.53
CA TYR A 50 10.49 23.15 -10.24
C TYR A 50 11.99 23.21 -10.54
N PRO A 51 12.84 22.81 -9.56
CA PRO A 51 14.30 22.79 -9.74
C PRO A 51 14.76 21.80 -10.83
N GLY A 52 15.02 22.33 -12.02
CA GLY A 52 15.51 21.54 -13.14
C GLY A 52 14.47 21.16 -14.16
N TYR A 53 14.64 20.00 -14.77
CA TYR A 53 13.69 19.48 -15.75
C TYR A 53 13.16 18.11 -15.36
N THR A 54 11.88 17.89 -15.62
CA THR A 54 11.30 16.55 -15.63
C THR A 54 10.33 16.38 -16.81
N SER A 55 10.14 15.13 -17.25
CA SER A 55 9.17 14.81 -18.30
C SER A 55 7.95 14.12 -17.69
N TYR A 56 7.89 14.17 -16.36
CA TYR A 56 6.93 13.45 -15.52
C TYR A 56 5.48 13.86 -15.75
N ALA A 57 5.25 15.13 -16.07
CA ALA A 57 3.91 15.65 -16.25
C ALA A 57 3.59 16.01 -17.70
N SER A 58 4.58 15.84 -18.58
CA SER A 58 4.45 16.28 -19.96
C SER A 58 4.55 15.16 -21.01
N LEU A 59 5.20 14.07 -20.64
CA LEU A 59 5.35 12.92 -21.55
C LEU A 59 5.07 11.61 -20.83
N THR A 60 4.61 10.62 -21.58
CA THR A 60 4.01 9.43 -21.00
C THR A 60 4.82 8.18 -21.32
N ASP A 61 4.62 7.63 -22.51
CA ASP A 61 5.29 6.41 -22.92
C ASP A 61 6.49 6.72 -23.81
N LEU A 62 7.66 6.80 -23.19
CA LEU A 62 8.85 7.32 -23.87
C LEU A 62 9.50 6.27 -24.75
N PRO A 63 9.41 5.01 -24.31
CA PRO A 63 9.89 3.88 -25.12
C PRO A 63 9.11 3.62 -26.41
N TRP A 64 7.84 4.00 -26.44
CA TRP A 64 7.03 3.89 -27.66
C TRP A 64 7.48 4.91 -28.69
N ARG A 65 8.00 6.04 -28.21
CA ARG A 65 8.40 7.15 -29.07
C ARG A 65 9.85 7.08 -29.55
N PHE A 66 10.77 6.74 -28.65
CA PHE A 66 12.20 6.77 -28.94
C PHE A 66 12.90 5.42 -28.74
N PRO A 67 13.57 4.93 -29.80
CA PRO A 67 14.21 3.61 -29.88
C PRO A 67 15.15 3.26 -28.73
N ILE A 68 15.96 4.21 -28.29
CA ILE A 68 16.95 3.95 -27.21
C ILE A 68 16.28 3.67 -25.85
N PHE A 69 15.08 4.22 -25.64
CA PHE A 69 14.33 4.00 -24.41
C PHE A 69 13.64 2.63 -24.41
N ALA A 70 13.29 2.13 -25.59
CA ALA A 70 12.78 0.76 -25.73
C ALA A 70 13.87 -0.25 -25.38
N ASP A 71 15.09 0.05 -25.80
CA ASP A 71 16.27 -0.73 -25.45
C ASP A 71 16.61 -0.62 -23.96
N LEU A 72 16.24 0.51 -23.36
CA LEU A 72 16.39 0.68 -21.92
C LEU A 72 15.36 -0.16 -21.15
N VAL A 73 14.10 -0.07 -21.57
CA VAL A 73 12.98 -0.77 -20.92
C VAL A 73 13.20 -2.28 -20.87
N LYS A 74 13.65 -2.85 -21.99
CA LYS A 74 13.98 -4.27 -22.11
C LYS A 74 15.04 -4.69 -21.07
N SER A 75 16.04 -3.84 -20.86
CA SER A 75 17.08 -4.07 -19.84
C SER A 75 16.49 -3.99 -18.43
N LEU A 76 15.70 -2.95 -18.18
CA LEU A 76 15.08 -2.72 -16.89
C LEU A 76 14.12 -3.83 -16.48
N ASP A 77 13.39 -4.37 -17.46
CA ASP A 77 12.50 -5.52 -17.23
C ASP A 77 13.26 -6.66 -16.56
N ALA A 78 14.40 -7.03 -17.17
CA ALA A 78 15.24 -8.11 -16.66
C ALA A 78 15.90 -7.75 -15.34
N HIS A 79 16.28 -6.48 -15.18
CA HIS A 79 16.82 -5.97 -13.92
C HIS A 79 15.82 -6.16 -12.78
N VAL A 80 14.60 -5.66 -12.99
CA VAL A 80 13.54 -5.71 -11.98
C VAL A 80 13.13 -7.15 -11.67
N ALA A 81 12.95 -7.95 -12.71
CA ALA A 81 12.55 -9.35 -12.56
C ALA A 81 13.56 -10.16 -11.75
N ALA A 82 14.84 -9.82 -11.89
CA ALA A 82 15.90 -10.44 -11.10
C ALA A 82 15.88 -9.94 -9.65
N PHE A 83 15.49 -8.68 -9.47
CA PHE A 83 15.37 -8.10 -8.13
C PHE A 83 14.14 -8.63 -7.41
N ALA A 84 13.09 -8.93 -8.18
CA ALA A 84 11.89 -9.56 -7.65
C ALA A 84 12.19 -10.94 -7.10
N GLU A 85 13.11 -11.64 -7.76
CA GLU A 85 13.54 -12.97 -7.35
C GLU A 85 14.45 -12.91 -6.13
N ASP A 86 15.16 -11.79 -5.96
CA ASP A 86 15.93 -11.55 -4.74
C ASP A 86 14.99 -11.30 -3.56
N LEU A 87 13.90 -10.59 -3.84
CA LEU A 87 12.90 -10.30 -2.81
C LEU A 87 11.95 -11.47 -2.57
N GLU A 88 11.98 -12.45 -3.48
CA GLU A 88 11.13 -13.64 -3.44
C GLU A 88 9.66 -13.31 -3.23
N PHE A 89 9.11 -12.57 -4.17
CA PHE A 89 7.68 -12.31 -4.21
C PHE A 89 6.97 -13.49 -4.85
N ASP A 90 5.77 -13.80 -4.39
CA ASP A 90 4.90 -14.72 -5.11
C ASP A 90 4.14 -13.90 -6.15
N LEU A 91 4.51 -14.06 -7.41
CA LEU A 91 3.98 -13.23 -8.49
C LEU A 91 2.88 -13.91 -9.30
N ASP A 92 2.66 -15.20 -9.03
CA ASP A 92 1.72 -16.05 -9.78
C ASP A 92 2.02 -16.02 -11.28
N GLY A 93 0.98 -15.81 -12.08
CA GLY A 93 1.13 -15.67 -13.53
C GLY A 93 1.70 -14.34 -13.96
N ARG A 94 1.39 -13.28 -13.20
CA ARG A 94 1.74 -11.91 -13.59
C ARG A 94 3.21 -11.56 -13.36
N ALA A 95 3.86 -11.03 -14.40
CA ALA A 95 5.18 -10.43 -14.25
C ALA A 95 5.01 -8.97 -13.84
N LEU A 96 6.10 -8.35 -13.39
CA LEU A 96 6.08 -6.92 -13.06
C LEU A 96 6.29 -6.09 -14.32
N GLU A 97 5.34 -5.18 -14.58
CA GLU A 97 5.43 -4.31 -15.75
C GLU A 97 5.73 -2.87 -15.34
N LEU A 98 6.32 -2.13 -16.27
CA LEU A 98 6.64 -0.71 -16.08
C LEU A 98 5.40 0.15 -16.36
N GLU A 99 5.07 1.05 -15.45
CA GLU A 99 3.96 1.97 -15.71
C GLU A 99 4.39 3.41 -15.93
N ASP A 100 5.46 3.83 -15.25
CA ASP A 100 5.95 5.20 -15.34
C ASP A 100 7.45 5.24 -15.56
N LEU A 101 7.90 6.17 -16.39
CA LEU A 101 9.32 6.36 -16.73
C LEU A 101 9.54 7.80 -17.15
N TRP A 102 10.38 8.53 -16.42
CA TRP A 102 10.61 9.94 -16.70
C TRP A 102 12.07 10.34 -16.61
N ILE A 103 12.40 11.48 -17.21
CA ILE A 103 13.75 12.01 -17.25
C ILE A 103 13.90 13.13 -16.22
N ASN A 104 14.96 13.08 -15.44
CA ASN A 104 15.35 14.19 -14.60
C ASN A 104 16.64 14.82 -15.09
N ILE A 105 16.62 16.14 -15.27
CA ILE A 105 17.85 16.88 -15.48
C ILE A 105 17.97 17.91 -14.36
N LEU A 106 18.87 17.63 -13.42
CA LEU A 106 19.04 18.47 -12.24
C LEU A 106 20.31 19.33 -12.33
N PRO A 107 20.18 20.65 -12.22
CA PRO A 107 21.30 21.59 -12.29
C PRO A 107 21.93 21.91 -10.93
N GLU A 108 22.85 22.86 -10.92
CA GLU A 108 23.61 23.26 -9.74
C GLU A 108 22.72 23.90 -8.68
N GLY A 109 22.38 23.12 -7.65
CA GLY A 109 21.57 23.61 -6.54
C GLY A 109 20.23 22.94 -6.38
N GLY A 110 19.87 22.10 -7.36
CA GLY A 110 18.58 21.41 -7.39
C GLY A 110 18.42 20.31 -6.36
N SER A 111 17.17 20.04 -5.97
CA SER A 111 16.85 19.03 -4.96
C SER A 111 15.46 18.44 -5.18
N HIS A 112 15.26 17.22 -4.69
CA HIS A 112 13.94 16.63 -4.59
C HIS A 112 13.64 16.29 -3.14
N ALA A 113 12.44 16.66 -2.68
CA ALA A 113 12.01 16.41 -1.32
C ALA A 113 11.89 14.92 -1.01
N SER A 114 11.82 14.58 0.28
CA SER A 114 11.65 13.20 0.73
C SER A 114 10.28 12.68 0.28
N HIS A 115 10.28 11.52 -0.40
CA HIS A 115 9.05 10.98 -1.00
C HIS A 115 9.06 9.46 -1.28
N ILE A 116 7.85 8.93 -1.50
CA ILE A 116 7.64 7.53 -1.89
C ILE A 116 6.88 7.46 -3.22
N HIS A 117 6.56 6.25 -3.67
CA HIS A 117 5.86 6.05 -4.93
C HIS A 117 4.67 5.09 -4.77
N PRO A 118 3.45 5.65 -4.58
CA PRO A 118 2.21 4.89 -4.41
C PRO A 118 1.84 4.03 -5.62
N HIS A 119 1.03 2.99 -5.38
CA HIS A 119 0.56 2.02 -6.40
C HIS A 119 1.67 1.32 -7.20
N SER A 120 2.86 1.21 -6.61
CA SER A 120 4.00 0.60 -7.27
C SER A 120 4.63 -0.46 -6.38
N VAL A 121 5.31 -1.41 -7.01
CA VAL A 121 5.99 -2.50 -6.32
C VAL A 121 7.48 -2.22 -6.21
N ILE A 122 8.13 -2.02 -7.36
CA ILE A 122 9.55 -1.66 -7.43
C ILE A 122 9.66 -0.27 -8.05
N SER A 123 10.45 0.59 -7.43
CA SER A 123 10.84 1.86 -8.01
C SER A 123 12.35 1.89 -8.21
N GLY A 124 12.81 2.65 -9.19
CA GLY A 124 14.22 2.71 -9.49
C GLY A 124 14.68 3.88 -10.34
N THR A 125 16.01 4.04 -10.43
CA THR A 125 16.62 5.14 -11.15
C THR A 125 17.94 4.70 -11.78
N THR A 126 18.04 4.79 -13.10
CA THR A 126 19.32 4.64 -13.78
C THR A 126 19.99 6.02 -13.92
N TYR A 127 21.32 6.04 -13.93
CA TYR A 127 22.05 7.31 -13.90
C TYR A 127 22.83 7.60 -15.17
N VAL A 128 22.53 8.76 -15.77
CA VAL A 128 23.06 9.11 -17.10
C VAL A 128 24.26 10.07 -17.00
N SER A 129 24.23 10.98 -16.02
CA SER A 129 25.33 11.92 -15.82
C SER A 129 25.62 12.13 -14.34
N MET A 130 26.85 11.82 -13.94
CA MET A 130 27.28 11.91 -12.55
C MET A 130 28.51 12.81 -12.37
N PRO A 131 28.31 14.14 -12.33
CA PRO A 131 29.46 14.98 -12.00
C PRO A 131 29.67 15.09 -10.50
N GLY A 132 30.90 15.42 -10.10
CA GLY A 132 31.24 15.66 -8.69
C GLY A 132 31.28 14.42 -7.82
N GLY A 133 31.75 14.59 -6.59
CA GLY A 133 31.80 13.51 -5.61
C GLY A 133 30.74 13.67 -4.55
N THR A 134 29.48 13.79 -4.97
CA THR A 134 28.35 13.97 -4.07
C THR A 134 27.24 12.93 -4.32
N SER A 135 26.38 12.75 -3.32
CA SER A 135 25.37 11.69 -3.29
C SER A 135 24.15 12.00 -4.16
N ALA A 136 23.68 10.99 -4.89
CA ALA A 136 22.52 11.14 -5.75
C ALA A 136 21.25 10.58 -5.10
N LEU A 137 21.43 9.90 -3.96
CA LEU A 137 20.31 9.32 -3.21
C LEU A 137 20.57 9.20 -1.71
N LYS A 138 19.63 9.74 -0.93
CA LYS A 138 19.61 9.52 0.51
C LYS A 138 18.39 8.68 0.84
N LEU A 139 18.62 7.47 1.33
CA LEU A 139 17.54 6.60 1.79
C LEU A 139 17.26 6.81 3.27
N GLU A 140 15.97 6.88 3.62
CA GLU A 140 15.60 6.96 5.03
C GLU A 140 14.94 5.68 5.52
N ASP A 141 15.41 5.22 6.68
CA ASP A 141 14.86 4.10 7.43
C ASP A 141 13.34 4.20 7.56
N PRO A 142 12.61 3.19 7.05
CA PRO A 142 11.15 3.09 7.21
C PRO A 142 10.73 3.04 8.69
N ARG A 143 11.67 2.66 9.55
CA ARG A 143 11.40 2.54 10.98
C ARG A 143 11.70 3.83 11.76
N HIS A 144 12.03 4.92 11.05
CA HIS A 144 12.55 6.12 11.69
C HIS A 144 11.65 6.75 12.77
N ALA A 145 10.36 6.82 12.46
CA ALA A 145 9.38 7.43 13.37
C ALA A 145 9.11 6.57 14.60
N MET A 146 9.34 5.27 14.47
CA MET A 146 9.18 4.31 15.57
C MET A 146 10.29 4.40 16.60
N MET A 147 11.39 5.02 16.20
CA MET A 147 12.61 5.05 17.00
C MET A 147 12.74 6.32 17.83
N MET A 148 11.59 6.81 18.30
CA MET A 148 11.51 8.09 19.01
C MET A 148 12.13 8.06 20.41
N ALA A 149 12.19 6.87 21.01
CA ALA A 149 12.77 6.70 22.32
C ALA A 149 14.19 6.13 22.23
N ALA A 150 14.47 5.50 21.09
CA ALA A 150 15.76 4.84 20.83
C ALA A 150 16.91 5.84 20.70
N PRO A 151 18.08 5.52 21.30
CA PRO A 151 19.28 6.34 21.12
C PRO A 151 19.75 6.31 19.68
N ALA A 152 20.48 7.34 19.29
CA ALA A 152 21.05 7.40 17.95
C ALA A 152 22.19 6.40 17.85
N ARG A 153 22.39 5.88 16.63
CA ARG A 153 23.50 4.99 16.36
C ARG A 153 24.80 5.79 16.39
N ARG A 154 25.90 5.15 16.75
CA ARG A 154 27.23 5.78 16.73
C ARG A 154 27.63 6.16 15.31
N LYS A 155 28.48 7.18 15.19
CA LYS A 155 28.93 7.67 13.88
C LYS A 155 29.59 6.58 13.04
N THR A 156 30.26 5.66 13.71
CA THR A 156 31.03 4.59 13.06
C THR A 156 30.27 3.25 13.00
N ALA A 157 28.93 3.31 12.92
CA ALA A 157 28.10 2.09 12.90
C ALA A 157 28.04 1.40 11.53
N ARG A 158 27.67 0.12 11.55
CA ARG A 158 27.52 -0.70 10.33
C ARG A 158 26.42 -0.17 9.44
N ASP A 159 26.57 -0.41 8.14
CA ASP A 159 25.64 0.10 7.13
C ASP A 159 24.19 -0.37 7.29
N GLU A 160 24.01 -1.60 7.74
CA GLU A 160 22.66 -2.16 7.92
C GLU A 160 21.89 -1.58 9.11
N LEU A 161 22.58 -0.79 9.93
CA LEU A 161 22.03 -0.23 11.16
C LEU A 161 21.79 1.27 11.15
N ARG A 162 22.24 1.97 10.11
CA ARG A 162 22.09 3.42 10.00
C ARG A 162 20.65 3.82 9.67
N GLN A 163 20.24 4.99 10.12
CA GLN A 163 18.93 5.54 9.79
C GLN A 163 18.91 6.06 8.36
N PHE A 164 20.03 6.63 7.92
CA PHE A 164 20.14 7.20 6.58
C PHE A 164 21.25 6.54 5.78
N ILE A 165 20.95 6.19 4.54
CA ILE A 165 21.94 5.55 3.66
C ILE A 165 22.18 6.44 2.46
N TYR A 166 23.46 6.69 2.16
CA TYR A 166 23.85 7.57 1.05
C TYR A 166 24.51 6.77 -0.09
N VAL A 167 23.98 6.94 -1.31
CA VAL A 167 24.52 6.26 -2.49
C VAL A 167 25.13 7.24 -3.47
N THR A 168 26.35 6.94 -3.93
CA THR A 168 26.99 7.67 -4.99
C THR A 168 27.21 6.71 -6.17
N PRO A 169 26.22 6.64 -7.09
CA PRO A 169 26.35 5.78 -8.24
C PRO A 169 27.31 6.37 -9.26
N ALA A 170 27.84 5.51 -10.13
CA ALA A 170 28.60 5.96 -11.28
C ALA A 170 27.63 6.05 -12.46
N VAL A 171 28.11 6.52 -13.60
CA VAL A 171 27.31 6.57 -14.83
C VAL A 171 27.05 5.16 -15.35
N GLY A 172 25.79 4.91 -15.73
CA GLY A 172 25.39 3.61 -16.25
C GLY A 172 24.91 2.64 -15.19
N ASP A 173 24.91 3.08 -13.94
CA ASP A 173 24.38 2.26 -12.84
C ASP A 173 22.85 2.31 -12.84
N VAL A 174 22.23 1.32 -12.22
CA VAL A 174 20.78 1.33 -12.00
C VAL A 174 20.45 0.82 -10.59
N LEU A 175 19.78 1.65 -9.83
CA LEU A 175 19.38 1.31 -8.47
C LEU A 175 17.92 0.92 -8.44
N LEU A 176 17.60 -0.07 -7.62
CA LEU A 176 16.23 -0.47 -7.37
C LEU A 176 15.93 -0.59 -5.88
N TRP A 177 14.68 -0.32 -5.53
CA TRP A 177 14.19 -0.45 -4.17
C TRP A 177 12.69 -0.76 -4.20
N GLU A 178 12.17 -1.24 -3.07
CA GLU A 178 10.74 -1.43 -2.91
C GLU A 178 10.11 -0.05 -2.78
N SER A 179 8.98 0.16 -3.46
CA SER A 179 8.41 1.50 -3.69
C SER A 179 8.04 2.32 -2.44
N TRP A 180 7.82 1.63 -1.32
CA TRP A 180 7.45 2.28 -0.07
C TRP A 180 8.64 2.94 0.64
N LEU A 181 9.84 2.73 0.10
CA LEU A 181 11.05 3.26 0.71
C LEU A 181 11.18 4.75 0.47
N ARG A 182 11.27 5.48 1.58
CA ARG A 182 11.40 6.93 1.57
C ARG A 182 12.79 7.32 1.12
N HIS A 183 12.85 8.13 0.07
CA HIS A 183 14.13 8.58 -0.47
C HIS A 183 14.13 10.06 -0.83
N GLU A 184 15.32 10.63 -0.76
CA GLU A 184 15.54 12.04 -0.99
C GLU A 184 16.70 12.12 -1.97
N VAL A 185 16.58 13.02 -2.96
CA VAL A 185 17.68 13.30 -3.87
C VAL A 185 18.33 14.60 -3.40
N PRO A 186 19.52 14.50 -2.76
CA PRO A 186 20.19 15.63 -2.09
C PRO A 186 20.73 16.67 -3.08
N MET A 187 21.18 17.81 -2.56
CA MET A 187 21.55 18.95 -3.42
C MET A 187 22.80 18.72 -4.25
N ASN A 188 22.67 18.92 -5.56
CA ASN A 188 23.77 18.92 -6.51
C ASN A 188 24.74 20.06 -6.22
N MET A 189 26.04 19.77 -6.27
CA MET A 189 27.08 20.70 -5.81
C MET A 189 28.04 21.21 -6.90
N SER A 190 28.14 20.49 -8.01
CA SER A 190 29.00 20.91 -9.13
C SER A 190 28.18 21.62 -10.21
N GLU A 191 28.85 22.44 -11.02
CA GLU A 191 28.16 23.26 -12.03
C GLU A 191 27.78 22.55 -13.34
N ASP A 192 27.87 21.23 -13.34
CA ASP A 192 27.37 20.42 -14.45
C ASP A 192 26.08 19.70 -14.07
N ASP A 193 25.29 19.34 -15.07
CA ASP A 193 23.98 18.71 -14.87
C ASP A 193 24.04 17.27 -14.35
N ARG A 194 23.20 16.99 -13.37
CA ARG A 194 23.02 15.64 -12.87
C ARG A 194 21.78 15.06 -13.56
N ILE A 195 22.01 14.24 -14.58
CA ILE A 195 20.92 13.64 -15.35
C ILE A 195 20.66 12.21 -14.89
N SER A 196 19.39 11.87 -14.76
CA SER A 196 18.96 10.53 -14.40
C SER A 196 17.60 10.21 -15.02
N VAL A 197 17.35 8.93 -15.25
CA VAL A 197 16.03 8.45 -15.66
C VAL A 197 15.45 7.62 -14.53
N SER A 198 14.31 8.06 -14.01
CA SER A 198 13.60 7.31 -12.97
C SER A 198 12.39 6.59 -13.54
N PHE A 199 11.91 5.58 -12.80
CA PHE A 199 10.86 4.70 -13.29
C PHE A 199 10.12 3.94 -12.20
N ASN A 200 8.87 3.57 -12.49
CA ASN A 200 8.03 2.82 -11.56
C ASN A 200 7.47 1.53 -12.15
N TYR A 201 7.61 0.44 -11.40
CA TYR A 201 7.08 -0.86 -11.79
C TYR A 201 5.94 -1.30 -10.89
N ARG A 202 4.85 -1.75 -11.49
CA ARG A 202 3.72 -2.29 -10.73
C ARG A 202 3.31 -3.69 -11.19
N TRP A 203 2.47 -4.32 -10.38
CA TRP A 203 2.11 -5.72 -10.55
C TRP A 203 0.78 -5.88 -11.28
N ALA A 204 0.78 -6.69 -12.34
CA ALA A 204 -0.39 -6.88 -13.20
C ALA A 204 -1.48 -7.71 -12.54
N SER B 2 -5.68 25.44 17.62
CA SER B 2 -5.77 23.94 17.70
C SER B 2 -6.64 23.37 16.58
N LEU B 3 -6.03 22.63 15.66
CA LEU B 3 -6.68 22.21 14.42
C LEU B 3 -6.56 20.71 14.16
N SER B 4 -7.65 20.08 13.71
CA SER B 4 -7.72 18.63 13.56
C SER B 4 -7.32 18.15 12.15
N LEU B 5 -6.25 17.36 12.08
CA LEU B 5 -5.70 16.90 10.80
C LEU B 5 -5.46 15.39 10.73
N PHE B 6 -5.30 14.90 9.50
CA PHE B 6 -4.89 13.52 9.18
C PHE B 6 -5.79 12.46 9.82
N VAL B 7 -7.08 12.69 9.65
CA VAL B 7 -8.14 11.97 10.35
C VAL B 7 -8.40 10.59 9.75
N THR B 8 -8.53 9.58 10.61
CA THR B 8 -9.07 8.27 10.23
C THR B 8 -10.59 8.30 10.41
N ARG B 9 -11.32 7.92 9.37
CA ARG B 9 -12.78 7.95 9.41
C ARG B 9 -13.36 6.55 9.55
N LEU B 10 -14.34 6.42 10.44
CA LEU B 10 -15.04 5.15 10.66
C LEU B 10 -16.50 5.26 10.28
N TYR B 11 -16.93 4.40 9.37
CA TYR B 11 -18.29 4.41 8.84
C TYR B 11 -19.12 3.44 9.65
N HIS B 12 -20.07 3.95 10.41
CA HIS B 12 -20.98 3.10 11.18
C HIS B 12 -22.42 3.47 10.88
N ALA B 13 -23.12 2.55 10.22
CA ALA B 13 -24.50 2.79 9.79
C ALA B 13 -25.25 1.47 9.67
N PRO B 14 -26.57 1.47 9.96
CA PRO B 14 -27.40 0.30 9.68
C PRO B 14 -27.45 -0.03 8.19
N LEU B 15 -27.53 -1.33 7.88
CA LEU B 15 -27.48 -1.84 6.52
C LEU B 15 -28.68 -1.40 5.68
N SER B 16 -29.79 -1.11 6.37
CA SER B 16 -31.05 -0.72 5.74
C SER B 16 -31.07 0.71 5.18
N ASP B 17 -29.98 1.46 5.37
CA ASP B 17 -29.86 2.81 4.81
C ASP B 17 -29.68 2.79 3.30
N HIS B 18 -29.19 1.67 2.79
CA HIS B 18 -28.94 1.52 1.36
C HIS B 18 -29.37 0.15 0.87
N GLY B 19 -29.48 0.03 -0.45
CA GLY B 19 -29.69 -1.24 -1.15
C GLY B 19 -31.00 -1.94 -0.86
N PRO B 20 -31.11 -3.23 -1.22
CA PRO B 20 -32.34 -3.99 -1.01
C PRO B 20 -32.51 -4.41 0.46
N ALA B 21 -33.71 -4.84 0.81
CA ALA B 21 -34.00 -5.33 2.16
C ALA B 21 -33.43 -6.73 2.37
N ILE B 22 -32.69 -6.90 3.47
CA ILE B 22 -32.14 -8.20 3.83
C ILE B 22 -32.70 -8.59 5.20
N ASP B 23 -33.53 -9.64 5.21
CA ASP B 23 -34.15 -10.12 6.45
C ASP B 23 -33.10 -10.75 7.36
N ALA B 24 -33.00 -10.20 8.58
CA ALA B 24 -31.95 -10.56 9.54
C ALA B 24 -32.01 -12.01 9.98
N GLU B 25 -33.21 -12.48 10.28
CA GLU B 25 -33.45 -13.86 10.72
C GLU B 25 -33.22 -14.84 9.58
N GLU B 26 -33.51 -14.42 8.35
CA GLU B 26 -33.32 -15.24 7.15
C GLU B 26 -31.84 -15.52 6.88
N MET B 27 -30.98 -14.56 7.24
CA MET B 27 -29.56 -14.68 6.93
C MET B 27 -28.70 -15.27 8.06
N GLU B 28 -29.25 -15.29 9.28
CA GLU B 28 -28.61 -16.01 10.38
C GLU B 28 -28.52 -17.49 10.02
N SER B 29 -29.64 -18.04 9.57
CA SER B 29 -29.72 -19.45 9.16
C SER B 29 -29.03 -19.72 7.82
N SER B 30 -28.88 -18.68 7.00
CA SER B 30 -28.15 -18.80 5.73
C SER B 30 -26.69 -19.08 5.97
N CYS B 31 -26.12 -18.38 6.96
CA CYS B 31 -24.72 -18.58 7.38
C CYS B 31 -24.50 -19.94 8.00
N TYR B 32 -25.50 -20.44 8.72
CA TYR B 32 -25.42 -21.75 9.36
C TYR B 32 -25.53 -22.87 8.33
N ALA B 33 -26.41 -22.70 7.35
CA ALA B 33 -26.61 -23.70 6.29
C ALA B 33 -25.41 -23.81 5.37
N ILE B 34 -24.66 -22.71 5.23
CA ILE B 34 -23.43 -22.71 4.45
C ILE B 34 -22.31 -23.37 5.23
N ALA B 35 -22.18 -23.01 6.52
CA ALA B 35 -21.16 -23.56 7.42
C ALA B 35 -21.27 -25.07 7.62
N GLU B 36 -22.49 -25.57 7.65
CA GLU B 36 -22.75 -26.98 7.88
C GLU B 36 -22.82 -27.81 6.58
N ASP B 37 -22.67 -27.13 5.45
CA ASP B 37 -22.51 -27.79 4.14
C ASP B 37 -21.07 -27.70 3.68
N ASP B 38 -20.35 -26.71 4.22
CA ASP B 38 -18.94 -26.52 3.89
C ASP B 38 -18.08 -27.58 4.57
N GLU B 39 -17.87 -28.68 3.84
CA GLU B 39 -17.07 -29.80 4.33
C GLU B 39 -15.59 -29.44 4.35
N ALA B 40 -15.16 -28.67 3.36
CA ALA B 40 -13.77 -28.23 3.23
C ALA B 40 -13.43 -27.11 4.21
N GLY B 41 -14.43 -26.30 4.56
CA GLY B 41 -14.26 -25.20 5.51
C GLY B 41 -14.17 -25.68 6.95
N GLN B 42 -15.05 -26.61 7.30
CA GLN B 42 -15.03 -27.27 8.61
C GLN B 42 -13.74 -28.06 8.80
N GLY B 43 -13.29 -28.69 7.70
CA GLY B 43 -12.04 -29.45 7.69
C GLY B 43 -10.79 -28.60 7.86
N TRP B 44 -10.79 -27.40 7.26
CA TRP B 44 -9.65 -26.50 7.32
C TRP B 44 -9.48 -25.84 8.70
N CYS B 45 -10.60 -25.55 9.36
CA CYS B 45 -10.60 -24.86 10.64
C CYS B 45 -10.04 -25.69 11.79
N GLU B 46 -10.32 -26.99 11.79
CA GLU B 46 -9.77 -27.90 12.80
C GLU B 46 -8.29 -28.16 12.51
N GLU B 47 -7.94 -28.23 11.23
CA GLU B 47 -6.56 -28.45 10.78
C GLU B 47 -5.64 -27.26 11.06
N ASN B 48 -6.22 -26.06 11.06
CA ASN B 48 -5.45 -24.84 11.29
C ASN B 48 -5.49 -24.37 12.73
N GLY B 49 -6.38 -24.95 13.53
CA GLY B 49 -6.58 -24.54 14.92
C GLY B 49 -7.31 -23.21 15.01
N TYR B 50 -8.20 -22.98 14.05
CA TYR B 50 -8.97 -21.75 13.92
C TYR B 50 -10.08 -21.69 14.98
N PRO B 51 -10.06 -20.65 15.84
CA PRO B 51 -11.09 -20.48 16.87
C PRO B 51 -12.46 -20.06 16.29
N GLY B 52 -13.22 -21.03 15.78
CA GLY B 52 -14.52 -20.76 15.19
C GLY B 52 -14.69 -21.33 13.79
N TYR B 53 -15.38 -20.59 12.94
CA TYR B 53 -15.55 -20.96 11.53
C TYR B 53 -15.29 -19.78 10.58
N THR B 54 -14.64 -20.07 9.46
CA THR B 54 -14.55 -19.13 8.34
C THR B 54 -14.74 -19.81 6.98
N SER B 55 -15.22 -19.04 6.02
CA SER B 55 -15.36 -19.52 4.65
C SER B 55 -14.28 -18.92 3.75
N TYR B 56 -13.38 -18.14 4.34
CA TYR B 56 -12.38 -17.34 3.61
C TYR B 56 -11.45 -18.12 2.69
N ALA B 57 -10.85 -19.19 3.21
CA ALA B 57 -9.99 -20.06 2.43
C ALA B 57 -10.76 -21.30 1.95
N SER B 58 -12.07 -21.17 1.83
CA SER B 58 -12.94 -22.28 1.49
C SER B 58 -13.89 -21.96 0.35
N LEU B 59 -14.78 -20.99 0.58
CA LEU B 59 -15.76 -20.57 -0.43
C LEU B 59 -15.52 -19.13 -0.88
N THR B 60 -15.38 -18.94 -2.18
CA THR B 60 -15.05 -17.63 -2.76
C THR B 60 -16.28 -16.82 -3.17
N ASP B 61 -16.87 -17.13 -4.32
CA ASP B 61 -18.02 -16.39 -4.84
C ASP B 61 -19.35 -16.79 -4.20
N LEU B 62 -19.60 -16.23 -3.01
CA LEU B 62 -20.86 -16.39 -2.29
C LEU B 62 -22.08 -15.61 -2.86
N PRO B 63 -21.86 -14.39 -3.41
CA PRO B 63 -23.01 -13.74 -4.06
C PRO B 63 -23.50 -14.46 -5.32
N TRP B 64 -22.61 -15.14 -6.03
CA TRP B 64 -22.98 -15.93 -7.21
C TRP B 64 -23.73 -17.21 -6.83
N ARG B 65 -23.26 -17.86 -5.77
CA ARG B 65 -23.84 -19.13 -5.33
C ARG B 65 -25.15 -18.95 -4.57
N PHE B 66 -25.25 -17.88 -3.78
CA PHE B 66 -26.39 -17.68 -2.88
C PHE B 66 -27.07 -16.31 -3.04
N PRO B 67 -28.39 -16.30 -3.33
CA PRO B 67 -29.17 -15.13 -3.75
C PRO B 67 -29.24 -13.98 -2.74
N ILE B 68 -29.27 -14.31 -1.44
CA ILE B 68 -29.31 -13.29 -0.39
C ILE B 68 -27.98 -12.53 -0.27
N PHE B 69 -26.89 -13.22 -0.61
CA PHE B 69 -25.57 -12.61 -0.61
C PHE B 69 -25.35 -11.68 -1.80
N ALA B 70 -26.05 -11.95 -2.90
CA ALA B 70 -26.09 -11.05 -4.05
C ALA B 70 -26.76 -9.75 -3.64
N ASP B 71 -27.84 -9.88 -2.87
CA ASP B 71 -28.56 -8.73 -2.31
C ASP B 71 -27.73 -7.99 -1.26
N LEU B 72 -26.93 -8.73 -0.49
CA LEU B 72 -26.04 -8.14 0.49
C LEU B 72 -24.98 -7.28 -0.19
N VAL B 73 -24.32 -7.85 -1.20
CA VAL B 73 -23.29 -7.15 -1.98
C VAL B 73 -23.84 -5.88 -2.60
N LYS B 74 -25.02 -5.99 -3.22
CA LYS B 74 -25.73 -4.86 -3.83
C LYS B 74 -25.95 -3.71 -2.83
N SER B 75 -26.31 -4.05 -1.60
CA SER B 75 -26.42 -3.07 -0.53
C SER B 75 -25.05 -2.55 -0.07
N LEU B 76 -24.07 -3.44 0.00
CA LEU B 76 -22.73 -3.07 0.45
C LEU B 76 -22.04 -2.11 -0.52
N ASP B 77 -22.27 -2.32 -1.81
CA ASP B 77 -21.74 -1.46 -2.86
C ASP B 77 -22.09 0.00 -2.63
N ALA B 78 -23.36 0.26 -2.32
CA ALA B 78 -23.86 1.61 -2.05
C ALA B 78 -23.31 2.19 -0.75
N HIS B 79 -23.19 1.36 0.28
CA HIS B 79 -22.57 1.75 1.54
C HIS B 79 -21.13 2.21 1.33
N VAL B 80 -20.38 1.43 0.55
CA VAL B 80 -18.98 1.71 0.24
C VAL B 80 -18.84 2.97 -0.64
N ALA B 81 -19.66 3.05 -1.69
CA ALA B 81 -19.64 4.20 -2.61
C ALA B 81 -19.88 5.52 -1.88
N ALA B 82 -20.81 5.51 -0.93
CA ALA B 82 -21.11 6.68 -0.12
C ALA B 82 -19.99 7.01 0.87
N PHE B 83 -19.26 5.98 1.30
CA PHE B 83 -18.11 6.15 2.19
C PHE B 83 -16.91 6.69 1.43
N ALA B 84 -16.79 6.30 0.16
CA ALA B 84 -15.76 6.84 -0.75
C ALA B 84 -15.92 8.34 -0.94
N GLU B 85 -17.18 8.79 -0.99
CA GLU B 85 -17.52 10.20 -1.11
C GLU B 85 -17.17 10.96 0.16
N ASP B 86 -17.35 10.32 1.31
CA ASP B 86 -16.95 10.86 2.59
C ASP B 86 -15.42 10.97 2.65
N LEU B 87 -14.73 9.99 2.06
CA LEU B 87 -13.28 9.96 2.06
C LEU B 87 -12.63 10.80 0.96
N GLU B 88 -13.47 11.34 0.07
CA GLU B 88 -13.06 12.28 -0.98
C GLU B 88 -12.03 11.70 -1.94
N PHE B 89 -12.12 10.39 -2.20
CA PHE B 89 -11.20 9.71 -3.11
C PHE B 89 -11.42 10.16 -4.55
N ASP B 90 -10.32 10.48 -5.23
CA ASP B 90 -10.36 10.64 -6.68
C ASP B 90 -10.32 9.23 -7.26
N LEU B 91 -11.42 8.84 -7.90
CA LEU B 91 -11.58 7.47 -8.37
C LEU B 91 -11.58 7.34 -9.88
N ASP B 92 -11.57 8.49 -10.57
CA ASP B 92 -11.79 8.58 -12.03
C ASP B 92 -13.13 7.97 -12.41
N GLY B 93 -13.14 7.20 -13.50
CA GLY B 93 -14.34 6.50 -13.94
C GLY B 93 -14.63 5.29 -13.08
N ARG B 94 -13.59 4.54 -12.73
CA ARG B 94 -13.73 3.28 -12.01
C ARG B 94 -14.14 3.45 -10.54
N ALA B 95 -15.15 2.71 -10.13
CA ALA B 95 -15.63 2.72 -8.75
C ALA B 95 -14.85 1.71 -7.91
N LEU B 96 -15.25 1.54 -6.66
CA LEU B 96 -14.72 0.48 -5.81
C LEU B 96 -15.57 -0.77 -5.99
N GLU B 97 -14.90 -1.89 -6.22
CA GLU B 97 -15.58 -3.17 -6.45
C GLU B 97 -15.22 -4.18 -5.36
N LEU B 98 -16.15 -5.08 -5.06
CA LEU B 98 -15.96 -6.12 -4.05
C LEU B 98 -14.90 -7.14 -4.49
N GLU B 99 -13.88 -7.30 -3.67
CA GLU B 99 -12.75 -8.20 -3.98
C GLU B 99 -12.94 -9.56 -3.31
N ASP B 100 -13.11 -9.54 -1.98
CA ASP B 100 -13.28 -10.76 -1.19
C ASP B 100 -14.46 -10.60 -0.23
N LEU B 101 -15.11 -11.72 0.08
CA LEU B 101 -16.27 -11.74 0.99
C LEU B 101 -16.39 -13.11 1.66
N TRP B 102 -16.41 -13.11 2.98
CA TRP B 102 -16.43 -14.36 3.73
C TRP B 102 -17.33 -14.27 4.97
N ILE B 103 -17.65 -15.44 5.52
CA ILE B 103 -18.52 -15.57 6.69
C ILE B 103 -17.67 -15.94 7.92
N ASN B 104 -18.04 -15.40 9.08
CA ASN B 104 -17.39 -15.76 10.34
C ASN B 104 -18.38 -16.09 11.45
N ILE B 105 -18.19 -17.27 12.05
CA ILE B 105 -18.96 -17.69 13.22
C ILE B 105 -17.99 -17.85 14.40
N LEU B 106 -18.20 -17.04 15.44
CA LEU B 106 -17.26 -16.96 16.56
C LEU B 106 -17.92 -17.38 17.89
N PRO B 107 -17.62 -18.61 18.36
CA PRO B 107 -18.17 -19.12 19.63
C PRO B 107 -17.42 -18.57 20.86
N GLU B 108 -17.82 -18.98 22.07
CA GLU B 108 -17.22 -18.49 23.31
C GLU B 108 -15.74 -18.83 23.38
N GLY B 109 -14.92 -17.80 23.58
CA GLY B 109 -13.48 -17.96 23.64
C GLY B 109 -12.78 -17.62 22.34
N GLY B 110 -13.56 -17.41 21.28
CA GLY B 110 -13.04 -17.11 19.95
C GLY B 110 -12.54 -15.69 19.80
N SER B 111 -11.41 -15.54 19.11
CA SER B 111 -10.79 -14.24 18.86
C SER B 111 -10.15 -14.19 17.47
N HIS B 112 -9.99 -12.97 16.95
CA HIS B 112 -9.11 -12.73 15.81
C HIS B 112 -7.94 -11.89 16.26
N ALA B 113 -6.75 -12.26 15.77
CA ALA B 113 -5.52 -11.53 16.06
C ALA B 113 -5.49 -10.16 15.37
N SER B 114 -4.50 -9.34 15.74
CA SER B 114 -4.30 -8.02 15.15
C SER B 114 -3.86 -8.14 13.69
N HIS B 115 -4.65 -7.57 12.77
CA HIS B 115 -4.38 -7.68 11.34
C HIS B 115 -4.92 -6.53 10.47
N ILE B 116 -4.35 -6.40 9.28
CA ILE B 116 -4.80 -5.45 8.24
C ILE B 116 -5.18 -6.23 6.96
N HIS B 117 -5.61 -5.52 5.92
CA HIS B 117 -6.01 -6.17 4.67
C HIS B 117 -5.34 -5.56 3.43
N PRO B 118 -4.23 -6.16 2.99
CA PRO B 118 -3.42 -5.69 1.85
C PRO B 118 -4.16 -5.73 0.52
N HIS B 119 -3.68 -4.94 -0.45
CA HIS B 119 -4.24 -4.85 -1.81
C HIS B 119 -5.71 -4.47 -1.86
N SER B 120 -6.13 -3.67 -0.87
CA SER B 120 -7.52 -3.29 -0.69
C SER B 120 -7.62 -1.83 -0.29
N VAL B 121 -8.78 -1.24 -0.55
CA VAL B 121 -9.04 0.17 -0.28
C VAL B 121 -9.94 0.33 0.93
N ILE B 122 -11.16 -0.21 0.83
CA ILE B 122 -12.11 -0.22 1.94
C ILE B 122 -12.33 -1.66 2.40
N SER B 123 -12.20 -1.87 3.71
CA SER B 123 -12.60 -3.13 4.32
C SER B 123 -13.76 -2.90 5.26
N GLY B 124 -14.51 -3.96 5.55
CA GLY B 124 -15.67 -3.86 6.43
C GLY B 124 -16.30 -5.15 6.85
N THR B 125 -17.25 -5.03 7.78
CA THR B 125 -17.94 -6.17 8.38
C THR B 125 -19.39 -5.78 8.67
N THR B 126 -20.33 -6.64 8.26
CA THR B 126 -21.71 -6.49 8.67
C THR B 126 -22.05 -7.55 9.72
N TYR B 127 -22.98 -7.23 10.62
CA TYR B 127 -23.20 -8.07 11.80
C TYR B 127 -24.56 -8.78 11.83
N VAL B 128 -24.51 -10.10 11.83
CA VAL B 128 -25.72 -10.94 11.71
C VAL B 128 -26.30 -11.31 13.08
N SER B 129 -25.44 -11.53 14.07
CA SER B 129 -25.88 -11.92 15.41
C SER B 129 -24.97 -11.35 16.48
N MET B 130 -25.55 -10.53 17.36
CA MET B 130 -24.80 -9.85 18.41
C MET B 130 -25.33 -10.11 19.82
N PRO B 131 -24.90 -11.23 20.44
CA PRO B 131 -25.17 -11.36 21.87
C PRO B 131 -24.08 -10.68 22.69
N GLY B 132 -24.18 -10.77 24.02
CA GLY B 132 -23.12 -10.32 24.92
C GLY B 132 -23.20 -8.87 25.35
N GLY B 133 -23.28 -7.96 24.38
CA GLY B 133 -23.27 -6.53 24.67
C GLY B 133 -21.86 -6.00 24.92
N THR B 134 -20.86 -6.78 24.53
CA THR B 134 -19.46 -6.36 24.60
C THR B 134 -18.94 -6.00 23.21
N SER B 135 -17.68 -5.59 23.13
CA SER B 135 -17.10 -5.04 21.90
C SER B 135 -16.84 -6.10 20.82
N ALA B 136 -17.37 -5.87 19.63
CA ALA B 136 -17.14 -6.79 18.52
C ALA B 136 -16.01 -6.32 17.61
N LEU B 137 -15.38 -5.20 17.97
CA LEU B 137 -14.25 -4.64 17.21
C LEU B 137 -13.33 -3.76 18.05
N LYS B 138 -12.06 -4.16 18.13
CA LYS B 138 -10.99 -3.32 18.65
C LYS B 138 -10.25 -2.71 17.45
N LEU B 139 -9.88 -1.45 17.58
CA LEU B 139 -9.41 -0.67 16.46
C LEU B 139 -8.23 0.18 16.92
N GLU B 140 -7.04 -0.11 16.40
CA GLU B 140 -5.79 0.51 16.89
C GLU B 140 -5.30 1.71 16.07
N ASP B 141 -4.81 2.72 16.78
CA ASP B 141 -4.16 3.90 16.23
C ASP B 141 -3.03 3.51 15.27
N PRO B 142 -3.07 4.03 14.03
CA PRO B 142 -1.98 3.79 13.08
C PRO B 142 -0.68 4.49 13.47
N ARG B 143 -0.78 5.51 14.32
CA ARG B 143 0.38 6.29 14.74
C ARG B 143 0.99 5.72 16.03
N HIS B 144 0.49 4.55 16.47
CA HIS B 144 0.84 3.97 17.78
C HIS B 144 2.32 3.70 17.94
N ALA B 145 2.93 3.19 16.88
CA ALA B 145 4.35 2.87 16.86
C ALA B 145 5.23 4.13 16.92
N MET B 146 4.71 5.23 16.38
CA MET B 146 5.42 6.50 16.36
C MET B 146 5.42 7.20 17.72
N MET B 147 4.46 6.84 18.56
CA MET B 147 4.24 7.52 19.84
C MET B 147 4.99 6.90 21.00
N MET B 148 6.26 6.55 20.77
CA MET B 148 7.04 5.80 21.75
C MET B 148 7.55 6.66 22.91
N ALA B 149 7.79 7.95 22.63
CA ALA B 149 8.27 8.87 23.65
C ALA B 149 7.13 9.74 24.20
N ALA B 150 6.00 9.72 23.49
CA ALA B 150 4.80 10.48 23.87
C ALA B 150 4.10 9.78 25.03
N PRO B 151 3.76 10.55 26.10
CA PRO B 151 3.09 9.98 27.28
C PRO B 151 1.69 9.48 26.97
N ALA B 152 1.19 8.56 27.80
CA ALA B 152 -0.12 7.97 27.60
C ALA B 152 -1.23 8.99 27.82
N ARG B 153 -2.33 8.82 27.10
CA ARG B 153 -3.50 9.70 27.21
C ARG B 153 -4.24 9.45 28.54
N ARG B 154 -5.04 10.43 28.96
CA ARG B 154 -5.80 10.31 30.19
C ARG B 154 -6.88 9.24 30.07
N LYS B 155 -7.45 8.86 31.20
CA LYS B 155 -8.37 7.73 31.24
C LYS B 155 -9.62 7.99 30.39
N THR B 156 -9.74 9.22 29.91
CA THR B 156 -10.95 10.01 30.13
C THR B 156 -11.23 10.92 28.94
N ALA B 157 -10.46 10.77 27.88
CA ALA B 157 -10.34 11.80 26.86
C ALA B 157 -11.39 11.64 25.77
N ARG B 158 -11.40 12.58 24.83
CA ARG B 158 -12.21 12.43 23.63
C ARG B 158 -11.74 11.24 22.79
N ASP B 159 -12.63 10.75 21.93
CA ASP B 159 -12.39 9.50 21.20
C ASP B 159 -11.50 9.74 19.98
N GLU B 160 -11.47 10.98 19.51
CA GLU B 160 -10.45 11.41 18.55
C GLU B 160 -9.05 10.99 19.01
N LEU B 161 -8.81 11.12 20.31
CA LEU B 161 -7.44 11.09 20.84
C LEU B 161 -7.05 9.68 21.26
N ARG B 162 -8.04 8.88 21.66
CA ARG B 162 -7.79 7.55 22.23
C ARG B 162 -7.08 6.67 21.20
N GLN B 163 -6.11 5.89 21.67
CA GLN B 163 -5.28 5.07 20.79
C GLN B 163 -5.89 3.72 20.45
N PHE B 164 -6.89 3.31 21.23
CA PHE B 164 -7.65 2.10 20.95
C PHE B 164 -9.13 2.44 20.98
N ILE B 165 -9.85 2.05 19.92
CA ILE B 165 -11.27 2.35 19.79
C ILE B 165 -12.10 1.07 19.82
N TYR B 166 -13.00 0.99 20.81
CA TYR B 166 -13.87 -0.18 20.98
C TYR B 166 -15.25 0.09 20.41
N VAL B 167 -15.69 -0.79 19.53
CA VAL B 167 -16.98 -0.62 18.86
C VAL B 167 -17.96 -1.70 19.28
N THR B 168 -19.17 -1.28 19.63
CA THR B 168 -20.24 -2.20 19.99
C THR B 168 -21.39 -2.07 19.00
N PRO B 169 -21.34 -2.84 17.89
CA PRO B 169 -22.37 -2.74 16.86
C PRO B 169 -23.62 -3.55 17.19
N ALA B 170 -24.78 -3.07 16.75
CA ALA B 170 -26.01 -3.83 16.90
C ALA B 170 -26.20 -4.75 15.70
N VAL B 171 -27.19 -5.62 15.77
CA VAL B 171 -27.53 -6.49 14.63
C VAL B 171 -27.97 -5.66 13.44
N GLY B 172 -27.46 -6.02 12.26
CA GLY B 172 -27.79 -5.31 11.03
C GLY B 172 -26.97 -4.06 10.77
N ASP B 173 -26.03 -3.76 11.66
CA ASP B 173 -25.10 -2.65 11.44
C ASP B 173 -24.02 -3.04 10.46
N VAL B 174 -23.50 -2.06 9.73
CA VAL B 174 -22.30 -2.25 8.92
C VAL B 174 -21.20 -1.27 9.35
N LEU B 175 -20.00 -1.80 9.51
CA LEU B 175 -18.84 -1.00 9.82
C LEU B 175 -17.88 -1.03 8.66
N LEU B 176 -17.45 0.16 8.23
CA LEU B 176 -16.43 0.26 7.20
C LEU B 176 -15.26 1.07 7.68
N TRP B 177 -14.09 0.75 7.15
CA TRP B 177 -12.86 1.44 7.44
C TRP B 177 -11.93 1.30 6.24
N GLU B 178 -10.89 2.13 6.25
CA GLU B 178 -9.86 2.08 5.22
C GLU B 178 -8.96 0.89 5.53
N SER B 179 -8.59 0.15 4.50
CA SER B 179 -8.01 -1.19 4.66
C SER B 179 -6.68 -1.29 5.42
N TRP B 180 -5.94 -0.19 5.49
CA TRP B 180 -4.66 -0.16 6.20
C TRP B 180 -4.85 -0.14 7.72
N LEU B 181 -6.07 0.09 8.17
CA LEU B 181 -6.35 0.21 9.60
C LEU B 181 -6.14 -1.11 10.33
N ARG B 182 -5.33 -1.05 11.37
CA ARG B 182 -5.08 -2.18 12.24
C ARG B 182 -6.28 -2.40 13.15
N HIS B 183 -6.86 -3.60 13.08
CA HIS B 183 -8.06 -3.91 13.82
C HIS B 183 -8.06 -5.34 14.34
N GLU B 184 -8.77 -5.53 15.44
CA GLU B 184 -8.76 -6.78 16.19
C GLU B 184 -10.19 -7.14 16.56
N VAL B 185 -10.50 -8.43 16.53
CA VAL B 185 -11.81 -8.86 17.02
C VAL B 185 -11.58 -9.50 18.38
N PRO B 186 -12.12 -8.86 19.44
CA PRO B 186 -11.88 -9.29 20.84
C PRO B 186 -12.60 -10.59 21.17
N MET B 187 -12.26 -11.17 22.32
CA MET B 187 -12.79 -12.48 22.73
C MET B 187 -14.30 -12.44 23.01
N ASN B 188 -15.01 -13.42 22.45
CA ASN B 188 -16.44 -13.57 22.69
C ASN B 188 -16.72 -14.02 24.12
N MET B 189 -17.28 -13.10 24.91
CA MET B 189 -17.50 -13.33 26.34
C MET B 189 -18.81 -14.04 26.63
N SER B 190 -19.72 -14.03 25.67
CA SER B 190 -21.01 -14.72 25.80
C SER B 190 -20.94 -16.14 25.25
N GLU B 191 -21.86 -16.99 25.71
CA GLU B 191 -21.88 -18.42 25.36
C GLU B 191 -22.31 -18.65 23.91
N ASP B 192 -23.26 -17.85 23.44
CA ASP B 192 -23.80 -17.97 22.08
C ASP B 192 -22.87 -17.40 21.01
N ASP B 193 -23.14 -17.75 19.75
CA ASP B 193 -22.26 -17.44 18.63
C ASP B 193 -22.31 -15.98 18.17
N ARG B 194 -21.18 -15.52 17.64
CA ARG B 194 -21.07 -14.21 17.00
C ARG B 194 -20.96 -14.41 15.50
N ILE B 195 -22.02 -14.06 14.77
CA ILE B 195 -22.05 -14.24 13.34
C ILE B 195 -21.88 -12.91 12.62
N SER B 196 -20.88 -12.87 11.75
CA SER B 196 -20.56 -11.68 10.99
C SER B 196 -20.15 -12.05 9.58
N VAL B 197 -20.28 -11.09 8.67
CA VAL B 197 -19.83 -11.25 7.29
C VAL B 197 -18.85 -10.12 6.96
N SER B 198 -17.58 -10.48 6.76
CA SER B 198 -16.56 -9.51 6.41
C SER B 198 -16.21 -9.53 4.93
N PHE B 199 -15.59 -8.45 4.46
CA PHE B 199 -15.39 -8.21 3.04
C PHE B 199 -14.31 -7.16 2.73
N ASN B 200 -13.70 -7.28 1.56
CA ASN B 200 -12.72 -6.32 1.06
C ASN B 200 -13.14 -5.68 -0.25
N TYR B 201 -12.86 -4.39 -0.41
CA TYR B 201 -13.14 -3.68 -1.65
C TYR B 201 -11.86 -3.15 -2.29
N ARG B 202 -11.65 -3.50 -3.56
CA ARG B 202 -10.48 -3.03 -4.29
C ARG B 202 -10.87 -1.98 -5.34
N TRP B 203 -9.88 -1.45 -6.05
CA TRP B 203 -10.11 -0.30 -6.92
C TRP B 203 -9.88 -0.57 -8.41
N ALA B 204 -8.62 -0.86 -8.77
CA ALA B 204 -8.16 -0.88 -10.17
C ALA B 204 -8.80 -1.96 -11.04
CA CA C . 29.90 5.94 -28.47
CA CA D . 29.14 27.84 -8.35
NI NI E . 11.70 9.03 -6.73
CA CA F . 29.18 14.97 -20.12
CA CA G . -10.17 13.09 -11.77
NI NI H . -10.43 -8.27 9.36
#